data_1Q5E
#
_entry.id   1Q5E
#
_cell.length_a   61.520
_cell.length_b   61.520
_cell.length_c   256.730
_cell.angle_alpha   90.00
_cell.angle_beta   90.00
_cell.angle_gamma   90.00
#
_symmetry.space_group_name_H-M   'P 43 2 2'
#
loop_
_entity.id
_entity.type
_entity.pdbx_description
1 polymer 'P450 epoxidase'
2 non-polymer 'PROTOPORPHYRIN IX CONTAINING FE'
3 water water
#
_entity_poly.entity_id   1
_entity_poly.type   'polypeptide(L)'
_entity_poly.pdbx_seq_one_letter_code
;MTQEQANQSETKPAFDFKPFAPGYAEDPFPAIERLREATPIFYWDEGRSWVLTRYHDVSAVFRDERFAVSREEWESSAEY
SSAIPELSDMKKYGLFGLPPEDHARVRKLVNPSFTSRAIDLLRAEIQRTVDQLLDARSGQEEFDVVRDYAEGIPMRAISA
LLKVPAECDEKFRRFGSATARALGVGLVPRVDEETKTLVASVTEGLALLHGVLDERRRNPLENDVLTMLLQAEADGSRLS
TKELVALVGAIIAAGTDTTIYLIAFAVLNLLRSPEALELVKAEPGLMRNALDEVLRFDNILRIGTVRFARQDLEYCGASI
KKGEMVFLLIPSALRDGTVFSRPDVFDVRRDTSASLAYGRGPHVCPGVSLARLEAEIAVGTIFRRFPEMKLKETPVFGYH
PAFRNIESLNVILKPSKAG
;
_entity_poly.pdbx_strand_id   A
#
# COMPACT_ATOMS: atom_id res chain seq x y z
N PRO A 13 2.47 -30.06 -4.93
CA PRO A 13 2.20 -29.28 -3.68
C PRO A 13 2.94 -27.92 -3.70
N ALA A 14 4.26 -27.97 -3.61
CA ALA A 14 5.12 -26.83 -3.76
C ALA A 14 5.21 -26.41 -5.21
N PHE A 15 4.17 -26.67 -5.98
CA PHE A 15 4.28 -26.57 -7.44
C PHE A 15 3.73 -25.27 -8.00
N ASP A 16 2.50 -25.34 -8.50
CA ASP A 16 1.91 -24.26 -9.26
C ASP A 16 1.73 -23.02 -8.38
N PHE A 17 1.47 -21.88 -9.02
CA PHE A 17 1.26 -20.60 -8.38
C PHE A 17 0.93 -19.65 -9.52
N LYS A 18 -0.36 -19.31 -9.66
CA LYS A 18 -0.82 -18.45 -10.73
C LYS A 18 -1.36 -17.13 -10.21
N PRO A 19 -0.49 -16.30 -9.63
CA PRO A 19 -0.91 -15.00 -9.08
C PRO A 19 -1.38 -13.99 -10.12
N PHE A 20 -1.49 -14.42 -11.37
CA PHE A 20 -2.06 -13.53 -12.37
C PHE A 20 -3.17 -14.22 -13.14
N ALA A 21 -3.46 -15.46 -12.74
CA ALA A 21 -4.51 -16.26 -13.36
C ALA A 21 -5.85 -15.57 -13.15
N PRO A 22 -6.64 -15.34 -14.20
CA PRO A 22 -7.89 -14.62 -13.99
C PRO A 22 -8.74 -15.30 -12.88
N GLY A 23 -9.50 -14.51 -12.12
CA GLY A 23 -10.21 -15.08 -10.98
C GLY A 23 -9.41 -15.29 -9.69
N TYR A 24 -8.17 -14.79 -9.66
CA TYR A 24 -7.33 -14.89 -8.47
C TYR A 24 -7.44 -13.61 -7.65
N ALA A 25 -7.22 -12.47 -8.29
CA ALA A 25 -7.47 -11.16 -7.67
C ALA A 25 -8.89 -10.96 -7.10
N GLU A 26 -9.77 -11.94 -7.34
CA GLU A 26 -11.11 -11.90 -6.75
C GLU A 26 -11.17 -12.86 -5.57
N ASP A 27 -10.54 -14.02 -5.74
CA ASP A 27 -10.52 -14.99 -4.67
C ASP A 27 -9.29 -15.86 -4.71
N PRO A 28 -8.18 -15.37 -4.19
CA PRO A 28 -6.93 -16.12 -4.26
C PRO A 28 -6.76 -17.10 -3.11
N PHE A 29 -7.74 -17.14 -2.23
CA PHE A 29 -7.59 -17.93 -1.03
C PHE A 29 -7.60 -19.46 -1.21
N PRO A 30 -8.60 -19.99 -1.92
CA PRO A 30 -8.72 -21.43 -2.12
C PRO A 30 -7.44 -21.99 -2.73
N ALA A 31 -6.83 -21.26 -3.65
CA ALA A 31 -5.57 -21.67 -4.23
C ALA A 31 -4.39 -21.54 -3.28
N ILE A 32 -4.22 -20.36 -2.69
CA ILE A 32 -3.01 -20.14 -1.89
C ILE A 32 -3.06 -20.86 -0.55
N GLU A 33 -4.24 -21.32 -0.17
CA GLU A 33 -4.32 -22.15 1.02
C GLU A 33 -3.46 -23.42 0.89
N ARG A 34 -3.65 -24.15 -0.21
CA ARG A 34 -3.01 -25.45 -0.43
C ARG A 34 -1.49 -25.44 -0.43
N LEU A 35 -0.94 -24.36 -0.98
CA LEU A 35 0.48 -24.18 -0.94
C LEU A 35 0.84 -24.08 0.53
N ARG A 36 0.02 -23.37 1.28
CA ARG A 36 0.36 -23.11 2.68
C ARG A 36 0.34 -24.40 3.49
N GLU A 37 -0.78 -25.13 3.41
CA GLU A 37 -1.00 -26.35 4.17
C GLU A 37 0.18 -27.29 3.97
N ALA A 38 0.39 -27.69 2.72
CA ALA A 38 1.49 -28.56 2.33
C ALA A 38 2.90 -27.96 2.62
N THR A 39 3.38 -27.08 1.75
CA THR A 39 4.77 -26.59 1.91
C THR A 39 4.86 -25.27 2.65
N PRO A 40 5.59 -25.26 3.77
CA PRO A 40 5.89 -24.02 4.50
C PRO A 40 6.81 -23.04 3.74
N ILE A 41 7.33 -23.42 2.58
CA ILE A 41 8.18 -22.54 1.78
C ILE A 41 8.54 -23.24 0.50
N PHE A 42 8.02 -22.76 -0.63
CA PHE A 42 8.39 -23.33 -1.91
C PHE A 42 9.30 -22.42 -2.78
N TYR A 43 9.35 -22.68 -4.09
CA TYR A 43 10.19 -21.91 -5.03
C TYR A 43 9.42 -21.63 -6.32
N TRP A 44 8.98 -20.38 -6.45
CA TRP A 44 8.08 -20.03 -7.52
C TRP A 44 8.76 -20.34 -8.85
N ASP A 45 8.05 -21.14 -9.66
CA ASP A 45 8.49 -21.65 -10.96
C ASP A 45 9.32 -20.60 -11.70
N GLU A 46 8.66 -19.69 -12.39
CA GLU A 46 9.43 -18.74 -13.14
C GLU A 46 10.12 -17.70 -12.25
N GLY A 47 9.77 -17.70 -10.96
CA GLY A 47 10.18 -16.64 -10.04
C GLY A 47 11.64 -16.51 -9.67
N ARG A 48 12.38 -17.62 -9.71
CA ARG A 48 13.75 -17.63 -9.20
C ARG A 48 13.82 -16.90 -7.85
N SER A 49 12.69 -16.93 -7.12
CA SER A 49 12.57 -16.41 -5.75
C SER A 49 11.70 -17.34 -4.93
N TRP A 50 12.17 -17.78 -3.77
CA TRP A 50 11.34 -18.62 -2.92
C TRP A 50 10.00 -17.89 -2.57
N VAL A 51 9.06 -18.59 -1.91
CA VAL A 51 7.80 -17.99 -1.47
C VAL A 51 7.30 -18.52 -0.14
N LEU A 52 7.49 -17.74 0.94
CA LEU A 52 7.04 -18.17 2.27
C LEU A 52 5.51 -17.97 2.43
N THR A 53 4.86 -18.85 3.17
CA THR A 53 3.40 -18.85 3.17
C THR A 53 2.83 -18.99 4.57
N ARG A 54 3.71 -19.34 5.50
CA ARG A 54 3.29 -19.59 6.85
C ARG A 54 3.49 -18.33 7.65
N TYR A 55 2.67 -18.14 8.65
CA TYR A 55 2.76 -16.94 9.44
C TYR A 55 4.09 -16.68 10.16
N HIS A 56 4.48 -17.55 11.09
CA HIS A 56 5.67 -17.31 11.93
C HIS A 56 6.98 -17.27 11.15
N ASP A 57 7.01 -17.89 9.97
CA ASP A 57 8.17 -17.76 9.13
C ASP A 57 8.14 -16.41 8.39
N VAL A 58 6.97 -16.08 7.83
CA VAL A 58 6.78 -14.75 7.22
C VAL A 58 7.18 -13.60 8.14
N SER A 59 6.79 -13.70 9.40
CA SER A 59 7.02 -12.63 10.39
C SER A 59 8.45 -12.47 10.82
N ALA A 60 9.14 -13.59 10.93
CA ALA A 60 10.50 -13.65 11.41
C ALA A 60 11.46 -13.01 10.40
N VAL A 61 11.16 -13.20 9.13
CA VAL A 61 11.95 -12.59 8.07
C VAL A 61 11.96 -11.06 8.10
N PHE A 62 10.83 -10.50 8.54
CA PHE A 62 10.60 -9.08 8.64
C PHE A 62 11.63 -8.45 9.54
N ARG A 63 11.63 -8.87 10.81
CA ARG A 63 12.54 -8.32 11.82
C ARG A 63 13.90 -9.05 11.75
N ASP A 64 14.16 -9.72 10.62
CA ASP A 64 15.39 -10.47 10.43
C ASP A 64 16.46 -9.64 9.70
N GLU A 65 17.62 -9.54 10.32
CA GLU A 65 18.66 -8.66 9.81
C GLU A 65 19.52 -9.40 8.81
N ARG A 66 19.20 -10.68 8.61
CA ARG A 66 19.96 -11.51 7.70
C ARG A 66 19.49 -11.23 6.28
N PHE A 67 18.24 -10.83 6.15
CA PHE A 67 17.66 -10.46 4.87
C PHE A 67 17.83 -8.99 4.58
N ALA A 68 17.52 -8.57 3.37
CA ALA A 68 17.67 -7.18 2.99
C ALA A 68 16.46 -6.81 2.16
N VAL A 69 16.35 -5.55 1.78
CA VAL A 69 15.22 -5.12 0.98
C VAL A 69 15.71 -4.68 -0.35
N SER A 70 17.03 -4.55 -0.47
CA SER A 70 17.66 -3.87 -1.60
C SER A 70 18.33 -4.83 -2.58
N ARG A 71 19.08 -4.25 -3.52
CA ARG A 71 19.68 -5.01 -4.62
C ARG A 71 21.18 -5.21 -4.40
N GLU A 72 21.78 -4.40 -3.52
CA GLU A 72 23.21 -4.50 -3.22
C GLU A 72 23.47 -5.77 -2.42
N GLU A 73 22.43 -6.61 -2.32
CA GLU A 73 22.52 -7.92 -1.72
C GLU A 73 21.64 -8.85 -2.53
N TRP A 74 21.46 -8.50 -3.80
CA TRP A 74 20.64 -9.30 -4.72
C TRP A 74 21.48 -10.28 -5.57
N GLU A 75 20.88 -10.77 -6.65
CA GLU A 75 21.60 -11.59 -7.61
C GLU A 75 22.26 -10.59 -8.54
N SER A 76 21.56 -9.49 -8.79
CA SER A 76 22.09 -8.40 -9.60
C SER A 76 21.78 -7.00 -9.05
N SER A 77 22.86 -6.33 -8.62
CA SER A 77 22.86 -4.91 -8.22
C SER A 77 22.86 -4.04 -9.49
N ALA A 78 23.44 -4.63 -10.55
CA ALA A 78 23.50 -4.06 -11.90
C ALA A 78 22.28 -4.45 -12.73
N GLU A 79 21.20 -4.83 -12.05
CA GLU A 79 19.92 -5.13 -12.71
C GLU A 79 18.96 -3.94 -12.65
N TYR A 80 19.28 -3.01 -11.73
CA TYR A 80 18.48 -1.81 -11.55
C TYR A 80 19.27 -0.58 -12.07
N SER A 81 20.48 -0.82 -12.54
CA SER A 81 21.23 0.19 -13.29
C SER A 81 20.73 0.18 -14.73
N SER A 82 19.65 -0.58 -14.93
CA SER A 82 18.96 -0.68 -16.21
C SER A 82 17.42 -0.56 -16.02
N ALA A 83 16.67 -0.51 -17.13
CA ALA A 83 15.18 -0.40 -17.16
C ALA A 83 14.56 0.70 -16.30
N ILE A 84 14.21 1.81 -16.96
CA ILE A 84 13.61 2.99 -16.31
C ILE A 84 14.69 3.74 -15.55
N PRO A 85 15.79 4.05 -16.23
CA PRO A 85 16.89 4.79 -15.58
C PRO A 85 16.45 6.06 -14.84
N GLU A 86 15.20 6.49 -15.00
CA GLU A 86 14.73 7.76 -14.42
C GLU A 86 14.47 7.71 -12.90
N LEU A 87 13.98 6.57 -12.42
CA LEU A 87 13.83 6.32 -10.99
C LEU A 87 15.11 5.74 -10.34
N SER A 88 16.26 6.03 -10.93
CA SER A 88 17.53 5.53 -10.42
C SER A 88 17.76 5.98 -8.95
N ASP A 89 17.91 7.29 -8.74
CA ASP A 89 18.06 7.89 -7.42
C ASP A 89 16.94 7.55 -6.45
N MET A 90 15.79 7.14 -6.97
CA MET A 90 14.70 6.79 -6.08
C MET A 90 14.86 5.37 -5.55
N LYS A 91 15.59 4.54 -6.28
CA LYS A 91 15.79 3.18 -5.79
C LYS A 91 17.06 3.08 -4.94
N LYS A 92 18.04 3.96 -5.18
CA LYS A 92 19.32 3.94 -4.44
C LYS A 92 19.29 4.79 -3.21
N TYR A 93 18.58 5.91 -3.27
CA TYR A 93 18.53 6.84 -2.14
C TYR A 93 17.16 6.90 -1.49
N GLY A 94 16.27 6.03 -1.93
CA GLY A 94 14.93 5.95 -1.36
C GLY A 94 14.87 4.97 -0.20
N LEU A 95 13.73 4.93 0.46
CA LEU A 95 13.62 4.14 1.67
C LEU A 95 14.06 2.66 1.49
N PHE A 96 14.07 2.14 0.26
CA PHE A 96 14.44 0.76 -0.01
C PHE A 96 15.82 0.63 -0.61
N GLY A 97 16.52 1.76 -0.67
CA GLY A 97 17.83 1.80 -1.29
C GLY A 97 18.86 2.29 -0.32
N LEU A 98 18.42 2.57 0.89
CA LEU A 98 19.33 3.00 1.93
C LEU A 98 19.82 1.81 2.78
N PRO A 99 21.12 1.68 2.94
CA PRO A 99 21.66 0.68 3.86
C PRO A 99 21.06 0.93 5.22
N PRO A 100 20.95 -0.13 6.02
CA PRO A 100 20.26 -0.09 7.32
C PRO A 100 20.47 1.18 8.17
N GLU A 101 21.70 1.53 8.43
CA GLU A 101 21.98 2.75 9.18
C GLU A 101 21.24 3.96 8.61
N ASP A 102 21.53 4.29 7.36
CA ASP A 102 21.04 5.52 6.72
C ASP A 102 19.52 5.57 6.84
N HIS A 103 18.94 4.39 6.77
CA HIS A 103 17.50 4.29 6.85
C HIS A 103 16.95 4.60 8.24
N ALA A 104 17.63 4.13 9.28
CA ALA A 104 17.18 4.46 10.63
C ALA A 104 17.16 5.95 10.80
N ARG A 105 18.10 6.63 10.15
CA ARG A 105 18.26 8.07 10.35
C ARG A 105 17.11 8.84 9.78
N VAL A 106 16.80 8.58 8.51
CA VAL A 106 15.73 9.28 7.79
C VAL A 106 14.33 9.03 8.40
N ARG A 107 14.10 7.81 8.87
CA ARG A 107 12.86 7.41 9.52
C ARG A 107 12.57 8.23 10.77
N LYS A 108 13.51 8.25 11.72
CA LYS A 108 13.31 9.02 12.94
C LYS A 108 13.21 10.48 12.62
N LEU A 109 13.82 10.88 11.52
CA LEU A 109 13.71 12.26 11.04
C LEU A 109 12.29 12.60 10.56
N VAL A 110 11.59 11.62 10.00
CA VAL A 110 10.27 11.81 9.41
C VAL A 110 9.07 11.27 10.25
N ASN A 111 9.28 10.21 11.04
CA ASN A 111 8.22 9.57 11.82
C ASN A 111 7.28 10.49 12.57
N PRO A 112 7.82 11.46 13.28
CA PRO A 112 6.97 12.32 14.14
C PRO A 112 5.87 13.07 13.40
N SER A 113 6.11 13.45 12.15
CA SER A 113 5.09 14.11 11.34
C SER A 113 3.97 13.15 10.95
N PHE A 114 4.14 11.87 11.20
CA PHE A 114 3.11 10.87 10.91
C PHE A 114 2.36 10.28 12.13
N THR A 115 2.55 10.79 13.33
CA THR A 115 1.84 10.19 14.46
C THR A 115 0.38 10.52 14.32
N SER A 116 -0.50 9.73 14.96
CA SER A 116 -1.95 9.94 14.75
C SER A 116 -2.33 11.34 15.22
N ARG A 117 -1.65 11.82 16.26
CA ARG A 117 -1.89 13.16 16.80
C ARG A 117 -1.43 14.30 15.85
N ALA A 118 -0.32 14.05 15.16
CA ALA A 118 0.15 14.97 14.18
C ALA A 118 -0.82 15.05 12.98
N ILE A 119 -1.09 13.93 12.32
CA ILE A 119 -1.96 14.00 11.15
C ILE A 119 -3.42 14.37 11.48
N ASP A 120 -3.83 14.21 12.73
CA ASP A 120 -5.19 14.60 13.14
C ASP A 120 -5.73 15.93 12.56
N LEU A 121 -4.87 16.89 12.39
CA LEU A 121 -5.26 18.17 11.86
C LEU A 121 -5.83 18.11 10.46
N LEU A 122 -5.80 16.95 9.81
CA LEU A 122 -6.20 16.77 8.40
C LEU A 122 -7.64 16.26 8.28
N ARG A 123 -8.36 16.22 9.40
CA ARG A 123 -9.72 15.71 9.40
C ARG A 123 -10.71 16.53 8.58
N ALA A 124 -10.85 17.82 8.94
CA ALA A 124 -11.78 18.75 8.25
C ALA A 124 -11.57 18.78 6.74
N GLU A 125 -10.31 18.81 6.34
CA GLU A 125 -9.93 18.77 4.93
C GLU A 125 -10.44 17.49 4.28
N ILE A 126 -10.18 16.34 4.90
CA ILE A 126 -10.56 15.07 4.30
C ILE A 126 -12.08 14.97 4.19
N GLN A 127 -12.78 15.26 5.30
CA GLN A 127 -14.24 15.21 5.30
C GLN A 127 -14.76 16.02 4.14
N ARG A 128 -14.21 17.24 4.06
CA ARG A 128 -14.44 18.23 3.00
C ARG A 128 -14.37 17.56 1.61
N THR A 129 -13.26 16.89 1.32
CA THR A 129 -13.16 16.19 0.04
C THR A 129 -14.18 15.05 -0.06
N VAL A 130 -14.36 14.34 1.04
CA VAL A 130 -15.33 13.27 1.10
C VAL A 130 -16.75 13.73 0.77
N ASP A 131 -17.16 14.87 1.28
CA ASP A 131 -18.48 15.39 0.94
C ASP A 131 -18.63 15.84 -0.54
N GLN A 132 -17.63 16.56 -1.07
CA GLN A 132 -17.65 17.02 -2.45
C GLN A 132 -17.88 15.85 -3.41
N LEU A 133 -17.08 14.79 -3.28
CA LEU A 133 -17.21 13.63 -4.16
C LEU A 133 -18.61 13.06 -4.04
N LEU A 134 -19.06 12.82 -2.81
CA LEU A 134 -20.40 12.32 -2.55
C LEU A 134 -21.44 13.26 -3.15
N ASP A 135 -21.48 14.47 -2.63
CA ASP A 135 -22.47 15.46 -3.08
C ASP A 135 -22.01 16.16 -4.35
N ALA A 136 -22.06 15.41 -5.44
CA ALA A 136 -21.65 15.87 -6.74
C ALA A 136 -21.95 14.76 -7.72
N ARG A 137 -22.23 13.58 -7.19
CA ARG A 137 -22.72 12.48 -8.02
C ARG A 137 -23.75 11.61 -7.31
N SER A 138 -24.53 12.19 -6.42
CA SER A 138 -25.60 11.46 -5.74
C SER A 138 -26.96 11.99 -6.21
N GLY A 139 -27.96 11.11 -6.27
CA GLY A 139 -29.21 11.45 -6.94
C GLY A 139 -28.93 11.76 -8.41
N GLN A 140 -28.00 11.00 -8.99
CA GLN A 140 -27.66 11.11 -10.41
C GLN A 140 -28.19 9.91 -11.22
N GLU A 141 -27.45 8.80 -11.21
CA GLU A 141 -27.84 7.62 -11.98
C GLU A 141 -27.23 6.36 -11.32
N GLU A 142 -25.90 6.27 -11.41
CA GLU A 142 -25.17 5.23 -10.71
C GLU A 142 -23.91 5.83 -10.05
N PHE A 143 -23.20 5.00 -9.29
CA PHE A 143 -22.05 5.44 -8.50
C PHE A 143 -21.00 4.32 -8.39
N ASP A 144 -19.78 4.65 -8.79
CA ASP A 144 -18.69 3.71 -8.75
C ASP A 144 -17.75 4.14 -7.61
N VAL A 145 -17.68 3.28 -6.58
CA VAL A 145 -16.96 3.62 -5.37
C VAL A 145 -15.49 3.82 -5.66
N VAL A 146 -14.97 3.04 -6.60
CA VAL A 146 -13.59 3.32 -7.01
C VAL A 146 -13.51 4.67 -7.75
N ARG A 147 -13.87 4.65 -9.04
CA ARG A 147 -13.68 5.81 -9.91
C ARG A 147 -14.35 7.09 -9.45
N ASP A 148 -15.50 7.02 -8.81
CA ASP A 148 -16.20 8.24 -8.38
C ASP A 148 -16.00 8.63 -6.90
N TYR A 149 -15.32 7.77 -6.11
CA TYR A 149 -15.12 8.00 -4.66
C TYR A 149 -13.68 7.79 -4.16
N ALA A 150 -13.18 6.55 -4.14
CA ALA A 150 -11.83 6.27 -3.60
C ALA A 150 -10.70 7.00 -4.27
N GLU A 151 -10.60 6.84 -5.58
CA GLU A 151 -9.57 7.43 -6.43
C GLU A 151 -9.33 8.91 -6.13
N GLY A 152 -10.36 9.58 -5.63
CA GLY A 152 -10.24 10.99 -5.40
C GLY A 152 -9.91 11.40 -3.98
N ILE A 153 -9.58 10.45 -3.12
CA ILE A 153 -9.36 10.81 -1.71
C ILE A 153 -7.88 10.90 -1.28
N PRO A 154 -7.09 9.84 -1.57
CA PRO A 154 -5.71 9.71 -1.08
C PRO A 154 -4.75 10.81 -1.45
N MET A 155 -4.81 11.30 -2.68
CA MET A 155 -3.88 12.34 -3.11
C MET A 155 -4.19 13.68 -2.45
N ARG A 156 -5.46 13.88 -2.12
CA ARG A 156 -5.88 15.13 -1.48
C ARG A 156 -5.33 15.15 -0.05
N ALA A 157 -5.17 13.98 0.53
CA ALA A 157 -4.73 13.86 1.92
C ALA A 157 -3.24 14.20 1.95
N ILE A 158 -2.48 13.53 1.09
CA ILE A 158 -1.06 13.75 1.03
C ILE A 158 -0.76 15.19 0.57
N SER A 159 -1.51 15.68 -0.41
CA SER A 159 -1.33 17.09 -0.80
C SER A 159 -1.50 18.07 0.35
N ALA A 160 -2.57 17.89 1.14
CA ALA A 160 -2.79 18.73 2.32
C ALA A 160 -1.58 18.64 3.21
N LEU A 161 -1.02 17.44 3.38
CA LEU A 161 0.17 17.23 4.23
C LEU A 161 1.44 17.94 3.74
N LEU A 162 1.63 18.06 2.43
CA LEU A 162 2.85 18.69 1.91
C LEU A 162 2.53 20.15 1.58
N LYS A 163 1.23 20.48 1.78
CA LYS A 163 0.61 21.79 1.57
C LYS A 163 0.73 22.18 0.14
N VAL A 164 0.10 21.39 -0.72
CA VAL A 164 0.00 21.63 -2.15
C VAL A 164 -1.49 21.84 -2.54
N PRO A 165 -1.79 22.85 -3.37
CA PRO A 165 -3.17 23.16 -3.78
C PRO A 165 -3.88 22.00 -4.43
N ALA A 166 -5.21 22.08 -4.44
CA ALA A 166 -6.00 20.99 -5.00
C ALA A 166 -5.87 20.87 -6.52
N GLU A 167 -5.17 21.80 -7.17
CA GLU A 167 -4.98 21.75 -8.62
C GLU A 167 -3.97 20.68 -9.01
N CYS A 168 -2.89 20.56 -8.23
CA CYS A 168 -1.86 19.54 -8.45
C CYS A 168 -2.33 18.11 -8.14
N ASP A 169 -3.50 18.01 -7.48
CA ASP A 169 -4.08 16.73 -7.08
C ASP A 169 -4.19 15.70 -8.17
N GLU A 170 -4.67 16.08 -9.35
CA GLU A 170 -4.73 15.11 -10.45
C GLU A 170 -3.33 14.68 -10.92
N LYS A 171 -2.45 15.65 -11.12
CA LYS A 171 -1.07 15.39 -11.59
C LYS A 171 -0.35 14.34 -10.73
N PHE A 172 -0.36 14.55 -9.40
CA PHE A 172 0.36 13.66 -8.46
C PHE A 172 -0.13 12.21 -8.32
N ARG A 173 -1.44 12.01 -8.36
CA ARG A 173 -2.00 10.67 -8.27
C ARG A 173 -1.55 9.84 -9.45
N ARG A 174 -1.45 10.49 -10.61
CA ARG A 174 -1.07 9.82 -11.83
C ARG A 174 0.38 9.46 -11.71
N PHE A 175 1.09 10.25 -10.90
CA PHE A 175 2.52 10.03 -10.64
C PHE A 175 2.83 8.82 -9.72
N GLY A 176 2.08 8.72 -8.63
CA GLY A 176 2.23 7.62 -7.71
C GLY A 176 1.79 6.29 -8.27
N SER A 177 0.67 6.26 -8.98
CA SER A 177 0.21 5.02 -9.60
C SER A 177 1.27 4.50 -10.53
N ALA A 178 1.79 5.40 -11.35
CA ALA A 178 2.82 5.06 -12.34
C ALA A 178 4.02 4.49 -11.64
N THR A 179 4.54 5.28 -10.72
CA THR A 179 5.67 4.85 -9.92
C THR A 179 5.47 3.51 -9.19
N ALA A 180 4.32 3.30 -8.54
CA ALA A 180 4.12 2.02 -7.83
C ALA A 180 4.22 0.86 -8.79
N ARG A 181 3.61 0.96 -9.97
CA ARG A 181 3.69 -0.21 -10.83
C ARG A 181 5.07 -0.37 -11.48
N ALA A 182 5.75 0.75 -11.67
CA ALA A 182 7.06 0.75 -12.32
C ALA A 182 8.17 0.16 -11.42
N LEU A 183 8.24 0.60 -10.16
CA LEU A 183 9.21 0.09 -9.21
C LEU A 183 9.05 -1.42 -9.02
N GLY A 184 7.86 -1.92 -9.30
CA GLY A 184 7.66 -3.36 -9.29
C GLY A 184 7.92 -4.00 -10.66
N VAL A 185 8.78 -3.39 -11.50
CA VAL A 185 9.05 -3.91 -12.85
C VAL A 185 10.24 -4.89 -12.87
N GLY A 186 10.72 -5.23 -11.69
CA GLY A 186 11.84 -6.14 -11.63
C GLY A 186 11.46 -7.31 -10.77
N LEU A 187 10.27 -7.22 -10.21
CA LEU A 187 9.83 -8.24 -9.28
C LEU A 187 8.75 -9.16 -9.84
N VAL A 188 8.27 -8.86 -11.05
CA VAL A 188 7.12 -9.58 -11.64
C VAL A 188 7.03 -9.43 -13.18
N PRO A 189 6.76 -10.53 -13.92
CA PRO A 189 6.70 -10.55 -15.40
C PRO A 189 5.84 -9.51 -16.16
N ARG A 190 4.60 -9.28 -15.73
CA ARG A 190 3.74 -8.32 -16.47
C ARG A 190 3.42 -6.98 -15.74
N VAL A 191 2.83 -6.02 -16.48
CA VAL A 191 2.32 -4.76 -15.93
C VAL A 191 0.95 -4.42 -16.53
N ASP A 192 0.29 -3.40 -15.96
CA ASP A 192 -1.10 -3.01 -16.36
C ASP A 192 -1.06 -1.83 -17.36
N GLU A 193 0.02 -1.04 -17.30
CA GLU A 193 0.19 0.15 -18.15
C GLU A 193 1.39 -0.02 -19.09
N GLU A 194 1.58 0.93 -20.03
CA GLU A 194 2.73 0.87 -20.98
C GLU A 194 3.86 1.84 -20.71
N THR A 195 5.05 1.32 -20.86
CA THR A 195 6.29 2.00 -20.55
C THR A 195 6.37 3.45 -21.10
N LYS A 196 5.73 3.70 -22.24
CA LYS A 196 5.77 5.03 -22.85
C LYS A 196 5.20 6.11 -21.94
N THR A 197 3.91 6.03 -21.65
CA THR A 197 3.23 7.04 -20.86
C THR A 197 3.68 6.99 -19.38
N LEU A 198 3.73 5.79 -18.86
CA LEU A 198 4.19 5.59 -17.51
C LEU A 198 5.43 6.42 -17.25
N VAL A 199 6.40 6.29 -18.13
CA VAL A 199 7.63 7.09 -18.02
C VAL A 199 7.33 8.61 -18.08
N ALA A 200 6.26 8.99 -18.77
CA ALA A 200 5.99 10.43 -18.87
C ALA A 200 5.44 10.89 -17.54
N SER A 201 4.58 10.05 -16.96
CA SER A 201 4.00 10.39 -15.66
C SER A 201 5.06 10.56 -14.58
N VAL A 202 6.09 9.72 -14.58
CA VAL A 202 7.16 9.83 -13.58
C VAL A 202 7.96 11.10 -13.77
N THR A 203 8.36 11.38 -15.01
CA THR A 203 9.19 12.55 -15.34
C THR A 203 8.45 13.84 -15.05
N GLU A 204 7.17 13.84 -15.35
CA GLU A 204 6.32 14.99 -15.13
C GLU A 204 6.11 15.18 -13.63
N GLY A 205 6.23 14.09 -12.86
CA GLY A 205 6.05 14.15 -11.41
C GLY A 205 7.25 14.76 -10.72
N LEU A 206 8.41 14.21 -11.05
CA LEU A 206 9.63 14.72 -10.52
C LEU A 206 9.69 16.20 -10.91
N ALA A 207 9.24 16.52 -12.10
CA ALA A 207 9.23 17.93 -12.54
C ALA A 207 8.48 18.83 -11.57
N LEU A 208 7.19 18.59 -11.37
CA LEU A 208 6.38 19.31 -10.38
C LEU A 208 6.99 19.27 -9.00
N LEU A 209 7.46 18.11 -8.57
CA LEU A 209 8.07 17.97 -7.27
C LEU A 209 9.22 18.92 -7.08
N HIS A 210 10.01 19.13 -8.12
CA HIS A 210 11.10 20.10 -8.06
C HIS A 210 10.63 21.53 -7.99
N GLY A 211 9.47 21.82 -8.56
CA GLY A 211 8.94 23.16 -8.41
C GLY A 211 8.40 23.41 -7.00
N VAL A 212 7.70 22.40 -6.47
CA VAL A 212 7.16 22.45 -5.12
C VAL A 212 8.30 22.67 -4.09
N LEU A 213 9.38 21.90 -4.20
CA LEU A 213 10.51 22.09 -3.33
C LEU A 213 11.26 23.43 -3.48
N ASP A 214 11.30 23.99 -4.67
CA ASP A 214 11.98 25.30 -4.80
C ASP A 214 11.16 26.41 -4.13
N GLU A 215 9.84 26.36 -4.34
CA GLU A 215 8.92 27.29 -3.69
C GLU A 215 8.95 27.16 -2.13
N ARG A 216 8.94 25.93 -1.60
CA ARG A 216 8.98 25.77 -0.15
C ARG A 216 10.31 26.28 0.39
N ARG A 217 11.38 25.98 -0.32
CA ARG A 217 12.71 26.53 -0.03
C ARG A 217 12.62 28.06 -0.02
N ARG A 218 11.84 28.64 -0.94
CA ARG A 218 11.75 30.11 -1.07
C ARG A 218 10.85 30.68 0.02
N ASN A 219 9.63 30.18 0.07
CA ASN A 219 8.68 30.52 1.13
C ASN A 219 8.47 29.43 2.24
N PRO A 220 9.42 29.27 3.17
CA PRO A 220 9.31 28.23 4.22
C PRO A 220 8.12 28.47 5.14
N LEU A 221 7.55 27.41 5.71
CA LEU A 221 6.40 27.53 6.58
C LEU A 221 6.72 27.00 7.96
N GLU A 222 5.94 27.42 8.95
CA GLU A 222 6.10 26.95 10.33
C GLU A 222 5.33 25.64 10.61
N ASN A 223 5.91 24.75 11.40
CA ASN A 223 5.31 23.43 11.69
C ASN A 223 4.89 22.69 10.41
N ASP A 224 5.88 22.37 9.57
CA ASP A 224 5.65 21.94 8.18
C ASP A 224 6.60 20.86 7.81
N VAL A 225 6.06 19.83 7.18
CA VAL A 225 6.87 18.69 6.83
C VAL A 225 7.95 18.94 5.80
N LEU A 226 7.66 19.69 4.73
CA LEU A 226 8.70 19.90 3.68
C LEU A 226 9.72 20.87 4.21
N THR A 227 9.22 21.88 4.92
CA THR A 227 10.14 22.87 5.49
C THR A 227 11.15 22.16 6.36
N MET A 228 10.61 21.38 7.31
CA MET A 228 11.42 20.62 8.25
C MET A 228 12.46 19.82 7.52
N LEU A 229 12.05 19.11 6.47
CA LEU A 229 12.98 18.25 5.77
C LEU A 229 14.04 19.12 5.05
N LEU A 230 13.60 20.21 4.43
CA LEU A 230 14.55 21.08 3.74
C LEU A 230 15.66 21.59 4.67
N GLN A 231 15.41 21.65 5.96
CA GLN A 231 16.44 22.12 6.85
C GLN A 231 17.38 21.00 7.21
N ALA A 232 16.82 19.88 7.64
CA ALA A 232 17.63 18.76 8.09
C ALA A 232 18.61 18.30 7.01
N GLU A 233 18.48 18.85 5.82
CA GLU A 233 19.43 18.52 4.76
C GLU A 233 20.53 19.58 4.71
N ALA A 234 20.12 20.81 4.37
CA ALA A 234 21.04 21.93 4.32
C ALA A 234 21.41 22.42 5.71
N ASP A 235 21.00 21.69 6.74
CA ASP A 235 21.29 22.07 8.13
C ASP A 235 21.58 20.80 8.95
N GLY A 236 22.67 20.78 9.72
CA GLY A 236 23.02 19.62 10.54
C GLY A 236 23.39 18.34 9.78
N SER A 237 22.97 18.26 8.52
CA SER A 237 23.22 17.13 7.61
C SER A 237 22.74 15.78 8.17
N ARG A 238 21.41 15.57 8.14
CA ARG A 238 20.82 14.27 8.49
C ARG A 238 20.08 13.78 7.26
N LEU A 239 19.81 14.71 6.34
CA LEU A 239 19.15 14.41 5.07
C LEU A 239 19.81 15.08 3.87
N SER A 240 19.72 14.43 2.71
CA SER A 240 20.41 14.95 1.55
C SER A 240 19.42 15.11 0.43
N THR A 241 19.65 16.10 -0.43
CA THR A 241 18.86 16.33 -1.64
C THR A 241 18.30 15.02 -2.16
N LYS A 242 19.21 14.14 -2.56
CA LYS A 242 18.79 12.83 -3.05
C LYS A 242 17.76 12.16 -2.11
N GLU A 243 18.16 11.86 -0.87
CA GLU A 243 17.35 11.06 0.07
C GLU A 243 16.03 11.74 0.34
N LEU A 244 16.01 13.07 0.12
CA LEU A 244 14.84 13.91 0.32
C LEU A 244 13.85 13.75 -0.83
N VAL A 245 14.29 14.08 -2.03
CA VAL A 245 13.37 14.06 -3.14
C VAL A 245 12.86 12.62 -3.31
N ALA A 246 13.72 11.67 -2.98
CA ALA A 246 13.35 10.26 -2.98
C ALA A 246 12.27 10.02 -1.95
N LEU A 247 12.50 10.54 -0.76
CA LEU A 247 11.59 10.39 0.37
C LEU A 247 10.19 10.86 0.00
N VAL A 248 10.05 12.04 -0.58
CA VAL A 248 8.73 12.58 -0.85
C VAL A 248 8.09 11.75 -1.94
N GLY A 249 8.86 11.33 -2.93
CA GLY A 249 8.29 10.59 -4.04
C GLY A 249 7.82 9.21 -3.62
N ALA A 250 8.59 8.55 -2.77
CA ALA A 250 8.22 7.27 -2.15
C ALA A 250 6.88 7.36 -1.41
N ILE A 251 6.80 8.27 -0.47
CA ILE A 251 5.59 8.60 0.23
C ILE A 251 4.35 8.71 -0.68
N ILE A 252 4.40 9.55 -1.73
CA ILE A 252 3.28 9.63 -2.63
C ILE A 252 2.96 8.26 -3.24
N ALA A 253 3.95 7.60 -3.81
CA ALA A 253 3.70 6.43 -4.57
C ALA A 253 3.22 5.35 -3.64
N ALA A 254 3.79 5.30 -2.42
CA ALA A 254 3.48 4.22 -1.49
C ALA A 254 2.10 4.37 -0.82
N GLY A 255 1.56 5.58 -0.81
CA GLY A 255 0.29 5.75 -0.16
C GLY A 255 -0.81 6.24 -1.08
N THR A 256 -0.78 5.80 -2.33
CA THR A 256 -1.80 6.22 -3.28
C THR A 256 -2.75 5.04 -3.57
N ASP A 257 -2.27 4.04 -4.28
CA ASP A 257 -3.16 2.93 -4.61
C ASP A 257 -3.52 2.19 -3.32
N THR A 258 -2.55 2.04 -2.42
CA THR A 258 -2.86 1.29 -1.21
C THR A 258 -4.14 1.82 -0.58
N THR A 259 -4.24 3.13 -0.40
CA THR A 259 -5.35 3.61 0.38
C THR A 259 -6.60 3.44 -0.45
N ILE A 260 -6.46 3.60 -1.75
CA ILE A 260 -7.60 3.41 -2.62
C ILE A 260 -8.20 2.01 -2.41
N TYR A 261 -7.35 0.97 -2.49
CA TYR A 261 -7.85 -0.41 -2.31
C TYR A 261 -8.26 -0.78 -0.90
N LEU A 262 -7.89 0.03 0.10
CA LEU A 262 -8.41 -0.25 1.44
C LEU A 262 -9.84 0.18 1.45
N ILE A 263 -10.10 1.38 0.92
CA ILE A 263 -11.41 1.98 0.99
C ILE A 263 -12.37 1.16 0.20
N ALA A 264 -11.91 0.72 -0.97
CA ALA A 264 -12.77 -0.07 -1.85
C ALA A 264 -13.05 -1.43 -1.20
N PHE A 265 -12.02 -2.15 -0.78
CA PHE A 265 -12.21 -3.44 -0.14
C PHE A 265 -13.18 -3.38 1.05
N ALA A 266 -13.13 -2.27 1.77
CA ALA A 266 -13.90 -2.17 2.99
C ALA A 266 -15.36 -2.09 2.60
N VAL A 267 -15.71 -1.20 1.67
CA VAL A 267 -17.10 -1.13 1.29
C VAL A 267 -17.51 -2.48 0.77
N LEU A 268 -16.68 -3.10 -0.03
CA LEU A 268 -17.10 -4.38 -0.55
C LEU A 268 -17.43 -5.40 0.59
N ASN A 269 -16.57 -5.47 1.60
CA ASN A 269 -16.71 -6.42 2.65
C ASN A 269 -17.86 -6.11 3.58
N LEU A 270 -18.19 -4.83 3.73
CA LEU A 270 -19.37 -4.44 4.50
C LEU A 270 -20.69 -4.65 3.74
N LEU A 271 -20.60 -4.75 2.41
CA LEU A 271 -21.72 -5.17 1.58
C LEU A 271 -21.82 -6.70 1.57
N ARG A 272 -20.69 -7.40 1.54
CA ARG A 272 -20.66 -8.87 1.57
C ARG A 272 -20.93 -9.47 2.94
N SER A 273 -21.27 -8.65 3.92
CA SER A 273 -21.45 -9.18 5.26
C SER A 273 -22.37 -8.34 6.05
N PRO A 274 -23.66 -8.60 5.90
CA PRO A 274 -24.65 -7.79 6.63
C PRO A 274 -24.43 -7.97 8.13
N GLU A 275 -24.07 -9.15 8.64
CA GLU A 275 -23.78 -9.23 10.07
C GLU A 275 -22.80 -8.09 10.46
N ALA A 276 -21.62 -8.13 9.83
CA ALA A 276 -20.57 -7.16 10.08
C ALA A 276 -21.07 -5.72 10.03
N LEU A 277 -21.79 -5.37 8.97
CA LEU A 277 -22.27 -4.00 8.81
C LEU A 277 -23.39 -3.63 9.80
N GLU A 278 -24.08 -4.62 10.34
CA GLU A 278 -25.09 -4.28 11.33
C GLU A 278 -24.47 -3.96 12.69
N LEU A 279 -23.25 -4.43 12.93
CA LEU A 279 -22.50 -4.15 14.14
C LEU A 279 -21.84 -2.77 14.08
N VAL A 280 -21.30 -2.41 12.92
CA VAL A 280 -20.62 -1.11 12.78
C VAL A 280 -21.68 -0.02 12.74
N LYS A 281 -22.94 -0.44 12.67
CA LYS A 281 -24.06 0.49 12.73
C LYS A 281 -24.53 0.71 14.17
N ALA A 282 -24.44 -0.36 14.96
CA ALA A 282 -24.82 -0.31 16.35
C ALA A 282 -23.76 0.43 17.17
N GLU A 283 -22.48 0.07 16.94
CA GLU A 283 -21.36 0.72 17.63
C GLU A 283 -20.26 1.18 16.66
N PRO A 284 -20.41 2.38 16.14
CA PRO A 284 -19.45 2.96 15.21
C PRO A 284 -18.00 2.74 15.64
N GLY A 285 -17.77 2.63 16.93
CA GLY A 285 -16.42 2.55 17.41
C GLY A 285 -15.73 1.35 16.83
N LEU A 286 -16.49 0.48 16.17
CA LEU A 286 -15.91 -0.74 15.61
C LEU A 286 -15.17 -0.47 14.31
N MET A 287 -15.62 0.57 13.62
CA MET A 287 -15.11 0.93 12.30
C MET A 287 -13.58 0.91 12.25
N ARG A 288 -12.92 1.49 13.23
CA ARG A 288 -11.47 1.40 13.24
C ARG A 288 -10.98 -0.08 13.24
N ASN A 289 -11.64 -0.94 13.99
CA ASN A 289 -11.22 -2.33 14.06
C ASN A 289 -11.64 -3.12 12.83
N ALA A 290 -12.81 -2.74 12.33
CA ALA A 290 -13.32 -3.35 11.13
C ALA A 290 -12.29 -3.18 10.03
N LEU A 291 -11.84 -1.94 9.84
CA LEU A 291 -10.92 -1.61 8.75
C LEU A 291 -9.64 -2.36 8.89
N ASP A 292 -9.26 -2.73 10.11
CA ASP A 292 -8.05 -3.54 10.33
C ASP A 292 -8.33 -5.01 9.98
N GLU A 293 -9.54 -5.47 10.22
CA GLU A 293 -9.88 -6.86 9.91
C GLU A 293 -10.03 -6.99 8.38
N VAL A 294 -10.36 -5.88 7.71
CA VAL A 294 -10.53 -5.91 6.29
C VAL A 294 -9.21 -6.27 5.70
N LEU A 295 -8.13 -5.63 6.12
CA LEU A 295 -6.83 -6.00 5.58
C LEU A 295 -6.43 -7.35 6.05
N ARG A 296 -6.93 -7.79 7.24
CA ARG A 296 -6.56 -9.11 7.80
C ARG A 296 -7.23 -10.21 7.05
N PHE A 297 -8.55 -10.09 6.89
CA PHE A 297 -9.32 -11.11 6.21
C PHE A 297 -8.97 -11.20 4.74
N ASP A 298 -8.85 -10.07 4.08
CA ASP A 298 -8.74 -10.10 2.65
C ASP A 298 -7.77 -9.04 2.15
N ASN A 299 -6.49 -9.34 2.22
CA ASN A 299 -5.44 -8.37 1.96
C ASN A 299 -5.40 -7.76 0.55
N ILE A 300 -5.00 -6.51 0.47
CA ILE A 300 -5.02 -5.83 -0.80
C ILE A 300 -3.94 -6.36 -1.72
N LEU A 301 -2.92 -7.03 -1.17
CA LEU A 301 -1.82 -7.53 -2.01
C LEU A 301 -2.13 -8.77 -2.92
N ARG A 302 -1.24 -9.00 -3.89
CA ARG A 302 -1.30 -10.12 -4.82
C ARG A 302 -0.38 -11.22 -4.30
N ILE A 303 0.87 -10.86 -4.00
CA ILE A 303 1.80 -11.83 -3.47
C ILE A 303 2.31 -11.44 -2.08
N GLY A 304 2.79 -10.21 -1.92
CA GLY A 304 3.27 -9.81 -0.60
C GLY A 304 4.34 -8.74 -0.66
N THR A 305 5.39 -8.96 0.13
CA THR A 305 6.48 -8.01 0.22
C THR A 305 7.78 -8.80 -0.08
N VAL A 306 8.81 -8.08 -0.56
CA VAL A 306 10.04 -8.74 -1.04
C VAL A 306 11.32 -8.46 -0.28
N ARG A 307 12.03 -9.55 0.00
CA ARG A 307 13.29 -9.52 0.72
C ARG A 307 14.35 -10.31 -0.06
N PHE A 308 15.56 -9.76 -0.17
CA PHE A 308 16.68 -10.42 -0.85
C PHE A 308 17.67 -10.92 0.19
N ALA A 309 18.19 -12.14 0.00
CA ALA A 309 19.10 -12.69 1.01
C ALA A 309 20.47 -12.05 0.87
N ARG A 310 21.19 -11.99 1.99
CA ARG A 310 22.51 -11.38 2.01
C ARG A 310 23.59 -12.44 1.90
N GLN A 311 23.42 -13.54 2.63
CA GLN A 311 24.35 -14.65 2.64
C GLN A 311 23.61 -15.98 2.71
N ASP A 312 24.07 -16.99 1.97
CA ASP A 312 23.53 -18.35 2.04
C ASP A 312 23.03 -18.78 3.44
N LEU A 313 21.95 -19.57 3.44
CA LEU A 313 21.34 -20.11 4.64
C LEU A 313 20.32 -21.08 4.12
N GLU A 314 19.65 -21.78 5.05
CA GLU A 314 18.59 -22.74 4.73
C GLU A 314 17.38 -22.59 5.65
N TYR A 315 16.67 -21.48 5.47
CA TYR A 315 15.41 -21.18 6.15
C TYR A 315 14.39 -22.29 5.86
N CYS A 316 14.09 -23.08 6.89
CA CYS A 316 13.06 -24.10 6.79
C CYS A 316 13.22 -24.98 5.54
N GLY A 317 14.40 -25.62 5.42
CA GLY A 317 14.67 -26.54 4.32
C GLY A 317 14.79 -25.89 2.96
N ALA A 318 15.70 -24.94 2.84
CA ALA A 318 15.90 -24.29 1.56
C ALA A 318 17.14 -23.38 1.52
N SER A 319 18.23 -23.92 0.97
CA SER A 319 19.46 -23.17 0.72
C SER A 319 19.15 -22.13 -0.34
N ILE A 320 19.54 -20.88 -0.06
CA ILE A 320 19.14 -19.80 -0.95
C ILE A 320 20.31 -19.00 -1.47
N LYS A 321 20.21 -18.63 -2.75
CA LYS A 321 21.30 -17.96 -3.46
C LYS A 321 21.63 -16.62 -2.82
N LYS A 322 22.87 -16.46 -2.38
CA LYS A 322 23.26 -15.21 -1.74
C LYS A 322 22.95 -14.08 -2.71
N GLY A 323 21.76 -13.50 -2.55
CA GLY A 323 21.26 -12.48 -3.45
C GLY A 323 19.89 -12.86 -3.99
N GLU A 324 19.45 -14.07 -3.68
CA GLU A 324 18.20 -14.56 -4.22
C GLU A 324 16.98 -13.92 -3.53
N MET A 325 16.01 -13.52 -4.36
CA MET A 325 14.80 -12.86 -3.91
C MET A 325 13.78 -13.81 -3.23
N VAL A 326 13.10 -13.32 -2.19
CA VAL A 326 12.07 -14.08 -1.48
C VAL A 326 10.81 -13.22 -1.28
N PHE A 327 9.65 -13.78 -1.64
CA PHE A 327 8.35 -13.16 -1.49
C PHE A 327 7.74 -13.62 -0.18
N LEU A 328 7.16 -12.69 0.58
CA LEU A 328 6.46 -13.07 1.81
C LEU A 328 4.97 -13.06 1.51
N LEU A 329 4.39 -14.24 1.39
CA LEU A 329 3.04 -14.36 0.90
C LEU A 329 2.11 -13.91 1.99
N ILE A 330 1.78 -12.62 1.92
CA ILE A 330 0.98 -11.92 2.95
C ILE A 330 -0.51 -12.24 2.96
N PRO A 331 -1.13 -12.46 1.82
CA PRO A 331 -2.53 -12.90 1.83
C PRO A 331 -2.76 -14.23 2.60
N SER A 332 -1.87 -15.19 2.42
CA SER A 332 -2.02 -16.49 3.07
C SER A 332 -1.61 -16.45 4.54
N ALA A 333 -0.51 -15.77 4.84
CA ALA A 333 -0.04 -15.65 6.20
C ALA A 333 -1.14 -15.11 7.14
N LEU A 334 -2.04 -14.30 6.57
CA LEU A 334 -3.09 -13.67 7.33
C LEU A 334 -4.29 -14.60 7.44
N ARG A 335 -4.25 -15.70 6.68
CA ARG A 335 -5.25 -16.78 6.75
C ARG A 335 -4.72 -18.03 7.50
N ASP A 336 -3.80 -17.82 8.45
CA ASP A 336 -3.13 -18.90 9.11
C ASP A 336 -3.94 -19.31 10.30
N GLY A 337 -4.49 -20.51 10.22
CA GLY A 337 -5.36 -21.02 11.25
C GLY A 337 -4.73 -21.10 12.62
N THR A 338 -3.41 -21.21 12.70
CA THR A 338 -2.79 -21.38 14.01
C THR A 338 -2.69 -20.05 14.69
N VAL A 339 -2.78 -18.95 13.95
CA VAL A 339 -2.65 -17.63 14.59
C VAL A 339 -4.03 -17.02 14.77
N PHE A 340 -4.91 -17.17 13.78
CA PHE A 340 -6.25 -16.60 13.87
C PHE A 340 -7.33 -17.64 13.89
N SER A 341 -8.06 -17.78 14.99
CA SER A 341 -9.15 -18.78 15.04
C SER A 341 -10.23 -18.49 13.99
N ARG A 342 -10.79 -19.53 13.41
CA ARG A 342 -11.77 -19.29 12.39
C ARG A 342 -11.26 -18.22 11.39
N PRO A 343 -10.09 -18.50 10.77
CA PRO A 343 -9.35 -17.55 9.91
C PRO A 343 -10.01 -17.23 8.58
N ASP A 344 -10.97 -18.02 8.14
CA ASP A 344 -11.64 -17.77 6.87
C ASP A 344 -12.97 -17.04 7.14
N VAL A 345 -13.03 -16.35 8.28
CA VAL A 345 -14.20 -15.59 8.65
C VAL A 345 -13.94 -14.06 8.75
N PHE A 346 -14.76 -13.26 8.10
CA PHE A 346 -14.67 -11.83 8.29
C PHE A 346 -15.40 -11.49 9.59
N ASP A 347 -14.62 -11.24 10.65
CA ASP A 347 -15.17 -10.98 11.99
C ASP A 347 -14.70 -9.60 12.51
N VAL A 348 -15.63 -8.65 12.64
CA VAL A 348 -15.26 -7.31 12.96
C VAL A 348 -14.87 -7.14 14.42
N ARG A 349 -15.24 -8.10 15.29
CA ARG A 349 -14.97 -8.01 16.72
C ARG A 349 -13.75 -8.79 17.09
N ARG A 350 -13.03 -9.23 16.08
CA ARG A 350 -11.79 -9.99 16.28
C ARG A 350 -10.60 -9.18 16.79
N ASP A 351 -9.69 -9.87 17.45
CA ASP A 351 -8.43 -9.21 17.82
C ASP A 351 -7.48 -9.22 16.63
N THR A 352 -7.04 -8.04 16.20
CA THR A 352 -6.19 -7.98 15.00
C THR A 352 -4.79 -7.44 15.18
N SER A 353 -4.36 -7.36 16.43
CA SER A 353 -3.00 -6.97 16.74
C SER A 353 -1.93 -7.66 15.90
N ALA A 354 -2.21 -8.88 15.47
CA ALA A 354 -1.25 -9.79 14.85
C ALA A 354 -1.20 -9.57 13.42
N SER A 355 -2.13 -8.77 12.89
CA SER A 355 -2.08 -8.46 11.45
C SER A 355 -0.66 -7.92 11.09
N LEU A 356 -0.21 -8.24 9.88
CA LEU A 356 1.06 -7.79 9.35
C LEU A 356 0.77 -6.93 8.16
N ALA A 357 -0.51 -6.66 7.87
CA ALA A 357 -0.89 -5.68 6.82
C ALA A 357 0.07 -4.50 6.69
N TYR A 358 0.44 -3.88 7.80
CA TYR A 358 1.34 -2.73 7.70
C TYR A 358 2.77 -3.07 8.09
N GLY A 359 3.09 -4.35 8.05
CA GLY A 359 4.45 -4.79 8.20
C GLY A 359 4.99 -4.81 9.61
N ARG A 360 6.28 -5.14 9.71
CA ARG A 360 6.94 -5.24 10.97
C ARG A 360 8.39 -4.77 10.79
N GLY A 361 9.07 -4.48 11.91
CA GLY A 361 10.45 -4.07 11.88
C GLY A 361 10.73 -2.62 11.47
N PRO A 362 11.99 -2.31 11.15
CA PRO A 362 12.36 -0.94 10.79
C PRO A 362 11.58 -0.28 9.67
N HIS A 363 11.06 -1.00 8.67
CA HIS A 363 10.35 -0.36 7.57
C HIS A 363 8.83 -0.40 7.79
N VAL A 364 8.37 -0.65 9.01
CA VAL A 364 6.91 -0.76 9.22
C VAL A 364 6.27 0.50 8.61
N CYS A 365 5.05 0.41 8.13
CA CYS A 365 4.46 1.54 7.44
C CYS A 365 4.31 2.80 8.31
N PRO A 366 4.93 3.88 7.87
CA PRO A 366 4.82 5.17 8.54
C PRO A 366 3.46 5.86 8.22
N GLY A 367 2.73 5.35 7.23
CA GLY A 367 1.47 5.92 6.80
C GLY A 367 0.23 5.26 7.42
N VAL A 368 0.45 4.36 8.35
CA VAL A 368 -0.64 3.59 8.86
C VAL A 368 -1.75 4.45 9.41
N SER A 369 -1.44 5.36 10.32
CA SER A 369 -2.47 6.18 10.94
C SER A 369 -3.27 7.04 9.92
N LEU A 370 -2.56 7.61 8.94
CA LEU A 370 -3.16 8.42 7.89
C LEU A 370 -4.11 7.57 7.09
N ALA A 371 -3.64 6.39 6.66
CA ALA A 371 -4.49 5.44 5.94
C ALA A 371 -5.77 5.11 6.73
N ARG A 372 -5.63 4.86 8.04
CA ARG A 372 -6.83 4.58 8.87
C ARG A 372 -7.76 5.77 8.98
N LEU A 373 -7.17 6.96 9.15
CA LEU A 373 -7.97 8.18 9.27
C LEU A 373 -8.78 8.45 8.02
N GLU A 374 -8.15 8.34 6.85
CA GLU A 374 -8.82 8.47 5.56
C GLU A 374 -9.98 7.48 5.38
N ALA A 375 -9.74 6.19 5.61
CA ALA A 375 -10.81 5.19 5.39
C ALA A 375 -11.84 5.29 6.48
N GLU A 376 -11.42 5.73 7.66
CA GLU A 376 -12.36 5.86 8.77
C GLU A 376 -13.44 6.84 8.39
N ILE A 377 -13.02 7.93 7.72
CA ILE A 377 -13.96 8.96 7.28
C ILE A 377 -14.55 8.63 5.90
N ALA A 378 -13.78 7.94 5.05
CA ALA A 378 -14.35 7.52 3.77
C ALA A 378 -15.49 6.53 3.99
N VAL A 379 -15.23 5.43 4.69
CA VAL A 379 -16.22 4.37 4.90
C VAL A 379 -17.34 4.81 5.84
N GLY A 380 -16.99 5.51 6.92
CA GLY A 380 -17.98 5.99 7.88
C GLY A 380 -19.06 6.88 7.27
N THR A 381 -18.69 7.93 6.51
CA THR A 381 -19.65 8.85 5.91
C THR A 381 -20.62 8.18 4.95
N ILE A 382 -20.12 7.49 3.94
CA ILE A 382 -20.97 6.94 2.87
C ILE A 382 -21.99 5.99 3.37
N PHE A 383 -21.59 5.17 4.33
CA PHE A 383 -22.56 4.27 4.94
C PHE A 383 -23.60 5.04 5.75
N ARG A 384 -23.16 6.02 6.53
CA ARG A 384 -24.06 6.79 7.39
C ARG A 384 -25.08 7.61 6.58
N ARG A 385 -24.67 8.09 5.42
CA ARG A 385 -25.54 8.90 4.60
C ARG A 385 -26.28 8.06 3.58
N PHE A 386 -25.76 6.87 3.30
CA PHE A 386 -26.46 5.95 2.44
C PHE A 386 -26.52 4.53 3.04
N PRO A 387 -27.28 4.34 4.14
CA PRO A 387 -27.35 3.05 4.86
C PRO A 387 -27.94 1.88 4.08
N GLU A 388 -28.94 2.13 3.22
CA GLU A 388 -29.51 1.08 2.35
C GLU A 388 -28.67 0.76 1.10
N MET A 389 -27.50 1.36 0.96
CA MET A 389 -26.60 1.05 -0.17
C MET A 389 -26.38 -0.42 -0.45
N LYS A 390 -26.72 -0.87 -1.65
CA LYS A 390 -26.48 -2.28 -2.06
C LYS A 390 -25.65 -2.32 -3.33
N LEU A 391 -24.98 -3.45 -3.56
CA LEU A 391 -24.12 -3.67 -4.74
C LEU A 391 -24.89 -3.65 -6.06
N LYS A 392 -24.22 -3.31 -7.16
CA LYS A 392 -24.91 -3.27 -8.46
C LYS A 392 -24.59 -4.51 -9.29
N GLU A 393 -23.39 -4.60 -9.86
CA GLU A 393 -22.97 -5.78 -10.61
C GLU A 393 -21.76 -6.41 -9.92
N THR A 394 -21.33 -7.59 -10.33
CA THR A 394 -20.11 -8.14 -9.76
C THR A 394 -18.95 -7.13 -9.93
N PRO A 395 -18.11 -6.99 -8.90
CA PRO A 395 -16.92 -6.11 -9.00
C PRO A 395 -15.85 -6.64 -9.94
N VAL A 396 -15.35 -5.77 -10.84
CA VAL A 396 -14.19 -6.13 -11.73
C VAL A 396 -12.83 -6.03 -11.08
N PHE A 397 -11.93 -6.98 -11.37
CA PHE A 397 -10.55 -6.97 -10.86
C PHE A 397 -9.44 -6.98 -11.94
N GLY A 398 -8.69 -5.88 -12.06
CA GLY A 398 -7.57 -5.76 -13.02
C GLY A 398 -6.47 -6.79 -12.88
N TYR A 399 -5.22 -6.40 -13.16
CA TYR A 399 -4.05 -7.32 -13.15
C TYR A 399 -2.75 -6.70 -12.60
N HIS A 400 -2.88 -5.61 -11.83
CA HIS A 400 -1.76 -4.87 -11.20
C HIS A 400 -0.73 -5.88 -10.70
N PRO A 401 0.55 -5.61 -10.97
CA PRO A 401 1.66 -6.44 -10.44
C PRO A 401 1.82 -6.45 -8.88
N ALA A 402 1.38 -5.39 -8.20
CA ALA A 402 1.68 -5.28 -6.76
C ALA A 402 0.53 -5.77 -5.90
N PHE A 403 -0.70 -5.45 -6.32
CA PHE A 403 -1.84 -5.92 -5.58
C PHE A 403 -3.16 -6.17 -6.33
N ARG A 404 -3.99 -7.05 -5.78
CA ARG A 404 -5.32 -7.34 -6.32
C ARG A 404 -6.15 -6.07 -6.53
N ASN A 405 -5.95 -5.39 -7.65
CA ASN A 405 -6.68 -4.13 -7.87
C ASN A 405 -8.12 -4.29 -8.31
N ILE A 406 -8.97 -3.42 -7.81
CA ILE A 406 -10.37 -3.44 -8.17
C ILE A 406 -10.70 -2.17 -8.93
N GLU A 407 -10.87 -2.35 -10.26
CA GLU A 407 -11.14 -1.24 -11.19
C GLU A 407 -12.53 -0.66 -11.09
N SER A 408 -13.53 -1.45 -10.71
CA SER A 408 -14.92 -0.98 -10.68
C SER A 408 -15.71 -1.47 -9.48
N LEU A 409 -16.66 -0.66 -9.05
CA LEU A 409 -17.53 -0.98 -7.91
C LEU A 409 -18.74 -0.04 -7.87
N ASN A 410 -19.84 -0.48 -8.46
CA ASN A 410 -20.99 0.38 -8.62
C ASN A 410 -21.98 -0.12 -7.64
N VAL A 411 -22.79 0.77 -7.13
CA VAL A 411 -23.76 0.38 -6.12
C VAL A 411 -24.97 1.31 -6.30
N ILE A 412 -26.09 0.98 -5.66
CA ILE A 412 -27.26 1.89 -5.62
C ILE A 412 -27.42 2.50 -4.21
N LEU A 413 -27.17 3.80 -4.08
CA LEU A 413 -27.20 4.47 -2.79
C LEU A 413 -28.53 4.33 -2.04
N LYS A 414 -29.62 4.25 -2.80
CA LYS A 414 -30.96 4.11 -2.22
C LYS A 414 -31.89 3.48 -3.23
N PRO A 415 -32.18 2.23 -3.10
CA PRO A 415 -32.98 1.52 -4.10
C PRO A 415 -34.42 1.99 -4.16
N SER A 416 -35.16 1.42 -5.09
CA SER A 416 -36.58 1.69 -5.24
C SER A 416 -37.12 0.64 -6.21
#